data_6BJ6
#
_entry.id   6BJ6
#
_cell.length_a   99.850
_cell.length_b   99.850
_cell.length_c   99.850
_cell.angle_alpha   90.00
_cell.angle_beta   90.00
_cell.angle_gamma   90.00
#
_symmetry.space_group_name_H-M   'P 21 3'
#
loop_
_entity.id
_entity.type
_entity.pdbx_description
1 polymer 'Purine nucleoside phosphorylase'
2 non-polymer 'DIMETHYL SULFOXIDE'
3 non-polymer '2-{[(S)-phenylsulfinyl]methyl}benzoic acid'
4 water water
#
_entity_poly.entity_id   1
_entity_poly.type   'polypeptide(L)'
_entity_poly.pdbx_seq_one_letter_code
;MTTPVVANYENASMAADYIKRVSNVLPDIGII(CME)GSGLGKLIEEIEERKVIPYINIPNFPKTTVAGHVGNLVLGSVG
GRKIVAMQGRLHMYEGYSNQEIALPIRVMKLLGVRVLLITNLAGGINRKLKSGDFVLIKGHINFPGLGLNNVLVGPNQDE
FGPRFPDLSNAYDRLLQQLALKIAQENDFQDLVHEGVYAFNGGPTYESPDESNMLLKLGCDVVGMSTVPEVIIACHCGIK
VLAVSLIANNSILDAENDVSINHEKVLAVAEKRADLLQMWFKEIITRLPLD
;
_entity_poly.pdbx_strand_id   A
#
# COMPACT_ATOMS: atom_id res chain seq x y z
N VAL A 5 21.45 2.50 -7.23
CA VAL A 5 21.43 1.06 -6.90
C VAL A 5 20.24 0.35 -7.57
N VAL A 6 20.54 -0.73 -8.33
CA VAL A 6 19.51 -1.50 -9.02
C VAL A 6 18.85 -2.47 -8.05
N ALA A 7 17.54 -2.68 -8.22
CA ALA A 7 16.80 -3.65 -7.40
C ALA A 7 16.98 -5.08 -7.91
N ASN A 8 18.25 -5.52 -7.93
CA ASN A 8 18.57 -6.84 -8.44
C ASN A 8 18.76 -7.87 -7.32
N TYR A 9 19.02 -9.13 -7.73
CA TYR A 9 19.10 -10.25 -6.81
C TYR A 9 20.25 -10.10 -5.82
N GLU A 10 21.42 -9.67 -6.32
CA GLU A 10 22.58 -9.48 -5.47
C GLU A 10 22.34 -8.41 -4.42
N ASN A 11 21.80 -7.26 -4.84
CA ASN A 11 21.65 -6.14 -3.90
C ASN A 11 20.57 -6.43 -2.87
N ALA A 12 19.49 -7.07 -3.30
CA ALA A 12 18.43 -7.46 -2.38
C ALA A 12 18.91 -8.52 -1.39
N SER A 13 19.78 -9.46 -1.84
CA SER A 13 20.33 -10.48 -0.94
C SER A 13 21.22 -9.85 0.14
N MET A 14 22.00 -8.83 -0.21
CA MET A 14 22.86 -8.19 0.78
C MET A 14 22.02 -7.55 1.89
N ALA A 15 20.89 -6.94 1.51
CA ALA A 15 20.02 -6.33 2.51
C ALA A 15 19.35 -7.39 3.40
N ALA A 16 18.85 -8.47 2.78
CA ALA A 16 18.22 -9.53 3.57
C ALA A 16 19.21 -10.17 4.55
N ASP A 17 20.45 -10.40 4.10
CA ASP A 17 21.46 -10.96 5.00
C ASP A 17 21.67 -10.08 6.23
N TYR A 18 21.81 -8.77 6.03
CA TYR A 18 21.93 -7.86 7.17
C TYR A 18 20.75 -7.99 8.11
N ILE A 19 19.53 -7.99 7.56
CA ILE A 19 18.33 -8.00 8.39
C ILE A 19 18.26 -9.28 9.22
N LYS A 20 18.49 -10.44 8.59
CA LYS A 20 18.47 -11.71 9.32
C LYS A 20 19.47 -11.69 10.46
N ARG A 21 20.64 -11.09 10.24
CA ARG A 21 21.68 -11.12 11.27
C ARG A 21 21.29 -10.33 12.52
N VAL A 22 20.39 -9.37 12.37
CA VAL A 22 20.02 -8.45 13.44
C VAL A 22 18.73 -8.89 14.11
N SER A 23 17.88 -9.60 13.40
CA SER A 23 16.47 -9.70 13.79
C SER A 23 16.09 -11.02 14.45
N ASN A 24 16.43 -12.14 13.82
CA ASN A 24 16.03 -13.49 14.22
C ASN A 24 14.58 -13.82 13.86
N VAL A 25 13.84 -12.93 13.21
CA VAL A 25 12.46 -13.17 12.82
C VAL A 25 12.44 -13.51 11.34
N LEU A 26 11.76 -14.59 10.98
CA LEU A 26 11.48 -14.88 9.57
C LEU A 26 10.00 -14.59 9.32
N PRO A 27 9.66 -13.47 8.71
CA PRO A 27 8.25 -13.10 8.56
C PRO A 27 7.59 -13.78 7.38
N ASP A 28 6.29 -14.02 7.55
CA ASP A 28 5.44 -14.57 6.49
C ASP A 28 4.54 -13.50 5.86
N ILE A 29 4.36 -12.38 6.55
CA ILE A 29 3.40 -11.35 6.19
C ILE A 29 4.09 -10.00 6.21
N GLY A 30 3.86 -9.18 5.20
CA GLY A 30 4.36 -7.82 5.17
C GLY A 30 3.21 -6.83 5.22
N ILE A 31 3.46 -5.66 5.82
CA ILE A 31 2.47 -4.58 5.88
C ILE A 31 3.09 -3.24 5.54
N ILE A 32 2.34 -2.45 4.77
CA ILE A 32 2.66 -1.06 4.45
C ILE A 32 1.46 -0.21 4.83
N GLY A 34 -0.38 3.41 5.53
CA GLY A 34 -0.27 4.80 5.10
C GLY A 34 -0.25 5.82 6.24
N SER A 35 0.02 7.09 5.90
CA SER A 35 0.13 8.13 6.91
C SER A 35 -1.18 8.24 7.71
N GLY A 36 -1.04 8.41 9.03
CA GLY A 36 -2.16 8.39 9.96
C GLY A 36 -2.70 7.01 10.30
N LEU A 37 -2.27 5.95 9.62
CA LEU A 37 -2.85 4.62 9.77
C LEU A 37 -1.85 3.60 10.32
N GLY A 38 -0.85 4.07 11.06
CA GLY A 38 0.25 3.21 11.46
C GLY A 38 0.27 2.77 12.90
N LYS A 39 -0.79 2.99 13.67
CA LYS A 39 -0.76 2.66 15.10
C LYS A 39 -0.44 1.19 15.35
N LEU A 40 -0.83 0.29 14.43
CA LEU A 40 -0.62 -1.15 14.66
C LEU A 40 0.86 -1.47 14.81
N ILE A 41 1.73 -0.77 14.06
CA ILE A 41 3.16 -1.01 14.14
C ILE A 41 3.72 -0.73 15.54
N GLU A 42 3.13 0.23 16.27
CA GLU A 42 3.61 0.50 17.63
C GLU A 42 3.23 -0.60 18.62
N GLU A 43 2.42 -1.59 18.21
CA GLU A 43 1.96 -2.65 19.10
C GLU A 43 2.50 -4.02 18.68
N ILE A 44 3.46 -4.07 17.76
CA ILE A 44 4.07 -5.33 17.39
C ILE A 44 4.85 -5.88 18.57
N GLU A 45 4.68 -7.17 18.84
CA GLU A 45 5.23 -7.82 20.02
C GLU A 45 6.64 -8.34 19.77
N GLU A 46 7.46 -8.27 20.82
CA GLU A 46 8.84 -8.75 20.76
C GLU A 46 9.55 -8.12 19.57
N ARG A 47 9.40 -6.81 19.43
CA ARG A 47 9.71 -6.18 18.14
C ARG A 47 11.16 -5.75 18.06
N LYS A 48 11.60 -5.51 16.83
CA LYS A 48 12.96 -5.08 16.52
C LYS A 48 12.87 -3.99 15.47
N VAL A 49 13.47 -2.82 15.74
CA VAL A 49 13.35 -1.65 14.87
C VAL A 49 14.69 -1.42 14.18
N ILE A 50 14.67 -1.42 12.85
CA ILE A 50 15.86 -1.28 12.01
C ILE A 50 15.73 -0.05 11.11
N PRO A 51 16.45 1.04 11.37
CA PRO A 51 16.37 2.20 10.46
C PRO A 51 16.86 1.85 9.07
N TYR A 52 16.10 2.29 8.06
CA TYR A 52 16.50 2.09 6.67
C TYR A 52 17.96 2.47 6.45
N ILE A 53 18.41 3.57 7.06
CA ILE A 53 19.76 4.10 6.81
C ILE A 53 20.86 3.11 7.19
N ASN A 54 20.57 2.13 8.03
CA ASN A 54 21.57 1.13 8.40
C ASN A 54 21.51 -0.14 7.55
N ILE A 55 20.56 -0.27 6.65
CA ILE A 55 20.38 -1.49 5.86
C ILE A 55 21.12 -1.30 4.54
N PRO A 56 22.08 -2.17 4.20
CA PRO A 56 22.72 -2.10 2.87
C PRO A 56 21.70 -1.97 1.74
N ASN A 57 21.96 -1.01 0.84
CA ASN A 57 21.23 -0.81 -0.41
C ASN A 57 19.81 -0.26 -0.26
N PHE A 58 19.35 0.09 0.95
CA PHE A 58 18.03 0.70 1.05
C PHE A 58 18.07 2.15 0.52
N PRO A 59 16.97 2.63 -0.06
CA PRO A 59 17.00 3.97 -0.69
C PRO A 59 17.24 5.08 0.32
N LYS A 60 17.91 6.15 -0.13
CA LYS A 60 18.16 7.34 0.67
C LYS A 60 16.91 8.22 0.73
N THR A 61 16.45 8.53 1.94
CA THR A 61 15.20 9.28 2.12
C THR A 61 15.42 10.56 2.93
N THR A 62 16.66 11.03 3.04
CA THR A 62 16.90 12.18 3.91
C THR A 62 16.43 13.51 3.31
N VAL A 63 16.20 13.59 2.00
CA VAL A 63 15.70 14.85 1.44
C VAL A 63 14.26 15.10 1.91
N ALA A 64 13.41 14.08 1.81
CA ALA A 64 12.05 14.20 2.35
C ALA A 64 12.06 14.20 3.87
N GLY A 65 12.98 13.46 4.48
CA GLY A 65 13.05 13.37 5.92
C GLY A 65 11.96 12.47 6.50
N HIS A 66 11.63 12.73 7.77
CA HIS A 66 10.61 12.00 8.52
C HIS A 66 11.01 10.54 8.70
N VAL A 67 10.14 9.72 9.30
CA VAL A 67 10.55 8.41 9.82
C VAL A 67 10.84 7.46 8.67
N GLY A 68 11.74 6.49 8.92
CA GLY A 68 12.06 5.46 7.96
C GLY A 68 12.69 4.23 8.62
N ASN A 69 11.86 3.26 9.03
CA ASN A 69 12.28 2.08 9.79
C ASN A 69 11.60 0.83 9.24
N LEU A 70 12.34 -0.29 9.24
CA LEU A 70 11.74 -1.63 9.14
C LEU A 70 11.48 -2.19 10.54
N VAL A 71 10.29 -2.74 10.78
CA VAL A 71 9.91 -3.25 12.10
C VAL A 71 9.49 -4.71 11.98
N LEU A 72 10.14 -5.59 12.73
CA LEU A 72 9.83 -7.01 12.73
C LEU A 72 9.35 -7.46 14.10
N GLY A 73 8.40 -8.39 14.10
CA GLY A 73 7.90 -8.94 15.36
C GLY A 73 6.68 -9.80 15.12
N SER A 74 5.86 -9.96 16.15
CA SER A 74 4.69 -10.83 16.10
C SER A 74 3.40 -10.04 16.29
N VAL A 75 2.37 -10.42 15.53
CA VAL A 75 1.01 -9.92 15.69
C VAL A 75 0.07 -11.12 15.63
N GLY A 76 -0.75 -11.30 16.66
CA GLY A 76 -1.70 -12.40 16.65
C GLY A 76 -1.03 -13.75 16.45
N GLY A 77 0.17 -13.92 16.99
CA GLY A 77 0.89 -15.16 16.81
C GLY A 77 1.57 -15.33 15.46
N ARG A 78 1.41 -14.37 14.56
CA ARG A 78 2.03 -14.43 13.24
C ARG A 78 3.28 -13.58 13.18
N LYS A 79 4.25 -13.98 12.35
CA LYS A 79 5.50 -13.26 12.19
C LYS A 79 5.40 -12.29 11.01
N ILE A 80 5.67 -10.99 11.27
CA ILE A 80 5.43 -9.95 10.29
C ILE A 80 6.62 -9.02 10.16
N VAL A 81 6.64 -8.28 9.04
CA VAL A 81 7.59 -7.19 8.80
C VAL A 81 6.81 -5.99 8.27
N ALA A 82 7.06 -4.82 8.86
CA ALA A 82 6.38 -3.58 8.48
C ALA A 82 7.36 -2.53 7.94
N MET A 83 6.95 -1.84 6.87
CA MET A 83 7.63 -0.62 6.40
C MET A 83 7.00 0.59 7.09
N GLN A 84 7.78 1.26 7.95
CA GLN A 84 7.30 2.41 8.72
C GLN A 84 7.90 3.67 8.09
N GLY A 85 7.08 4.38 7.32
CA GLY A 85 7.50 5.59 6.62
C GLY A 85 6.93 5.63 5.21
N ARG A 86 7.06 6.75 4.49
CA ARG A 86 6.45 6.91 3.17
C ARG A 86 7.50 6.80 2.06
N LEU A 87 7.24 5.94 1.07
CA LEU A 87 8.01 5.83 -0.19
C LEU A 87 7.07 5.92 -1.39
N HIS A 88 6.73 7.15 -1.81
CA HIS A 88 5.78 7.38 -2.90
C HIS A 88 6.48 8.02 -4.11
N MET A 89 5.98 7.71 -5.30
CA MET A 89 6.70 8.10 -6.51
CA MET A 89 6.67 8.11 -6.53
C MET A 89 6.60 9.62 -6.79
N TYR A 90 5.60 10.33 -6.29
CA TYR A 90 5.55 11.79 -6.48
C TYR A 90 6.70 12.49 -5.77
N GLU A 91 7.42 11.79 -4.87
CA GLU A 91 8.58 12.37 -4.19
C GLU A 91 9.84 12.35 -5.05
N GLY A 92 9.81 11.67 -6.20
CA GLY A 92 10.95 11.57 -7.10
C GLY A 92 11.77 10.29 -6.97
N TYR A 93 11.35 9.35 -6.13
CA TYR A 93 12.05 8.07 -6.04
C TYR A 93 11.95 7.33 -7.36
N SER A 94 12.99 6.59 -7.70
CA SER A 94 13.00 5.84 -8.97
C SER A 94 12.30 4.48 -8.84
N ASN A 95 12.03 3.88 -10.00
CA ASN A 95 11.51 2.51 -10.04
C ASN A 95 12.34 1.57 -9.17
N GLN A 96 13.67 1.68 -9.23
CA GLN A 96 14.54 0.77 -8.48
C GLN A 96 14.42 0.98 -6.97
N GLU A 97 14.23 2.23 -6.55
CA GLU A 97 14.13 2.52 -5.13
C GLU A 97 12.82 1.99 -4.54
N ILE A 98 11.71 2.14 -5.25
CA ILE A 98 10.44 1.62 -4.79
C ILE A 98 10.49 0.11 -4.68
N ALA A 99 11.17 -0.56 -5.64
CA ALA A 99 11.05 -2.01 -5.75
C ALA A 99 11.90 -2.76 -4.74
N LEU A 100 13.03 -2.18 -4.33
CA LEU A 100 13.99 -2.97 -3.55
C LEU A 100 13.41 -3.45 -2.22
N PRO A 101 12.70 -2.62 -1.45
CA PRO A 101 12.15 -3.14 -0.18
C PRO A 101 11.18 -4.29 -0.37
N ILE A 102 10.35 -4.27 -1.42
CA ILE A 102 9.41 -5.37 -1.64
C ILE A 102 10.16 -6.64 -2.01
N ARG A 103 11.23 -6.52 -2.81
CA ARG A 103 12.01 -7.70 -3.18
C ARG A 103 12.81 -8.24 -2.00
N VAL A 104 13.21 -7.37 -1.06
CA VAL A 104 13.79 -7.86 0.18
C VAL A 104 12.77 -8.65 0.99
N MET A 105 11.53 -8.15 1.11
CA MET A 105 10.47 -8.93 1.77
C MET A 105 10.38 -10.34 1.18
N LYS A 106 10.36 -10.42 -0.15
CA LYS A 106 10.29 -11.73 -0.81
C LYS A 106 11.40 -12.65 -0.33
N LEU A 107 12.64 -12.16 -0.33
CA LEU A 107 13.76 -13.01 0.05
C LEU A 107 13.72 -13.39 1.53
N LEU A 108 13.09 -12.56 2.38
CA LEU A 108 12.92 -12.89 3.80
C LEU A 108 11.84 -13.94 4.03
N GLY A 109 10.98 -14.17 3.03
CA GLY A 109 10.00 -15.24 3.06
C GLY A 109 8.57 -14.75 3.05
N VAL A 110 8.32 -13.47 2.79
CA VAL A 110 6.96 -12.93 2.83
C VAL A 110 6.13 -13.55 1.71
N ARG A 111 4.89 -13.98 2.04
CA ARG A 111 3.96 -14.55 1.06
C ARG A 111 2.70 -13.72 0.85
N VAL A 112 2.37 -12.82 1.78
CA VAL A 112 1.17 -11.97 1.74
C VAL A 112 1.56 -10.55 2.14
N LEU A 113 1.12 -9.56 1.34
CA LEU A 113 1.35 -8.14 1.62
C LEU A 113 0.02 -7.44 1.80
N LEU A 114 -0.13 -6.71 2.92
CA LEU A 114 -1.32 -5.91 3.23
C LEU A 114 -0.97 -4.43 3.16
N ILE A 115 -1.82 -3.64 2.49
CA ILE A 115 -1.56 -2.22 2.19
C ILE A 115 -2.80 -1.39 2.50
N THR A 116 -2.62 -0.25 3.17
CA THR A 116 -3.70 0.72 3.38
C THR A 116 -3.22 2.12 3.00
N ASN A 117 -4.14 2.96 2.50
CA ASN A 117 -3.81 4.38 2.29
C ASN A 117 -5.08 5.21 2.16
N LEU A 118 -4.97 6.50 2.50
CA LEU A 118 -6.03 7.46 2.21
C LEU A 118 -6.18 7.67 0.70
N ALA A 119 -7.41 8.00 0.27
CA ALA A 119 -7.71 8.19 -1.15
C ALA A 119 -8.96 9.05 -1.33
N GLY A 120 -9.16 9.50 -2.57
CA GLY A 120 -10.35 10.30 -2.95
C GLY A 120 -11.45 9.43 -3.53
N GLY A 121 -12.70 9.73 -3.18
CA GLY A 121 -13.84 9.00 -3.71
C GLY A 121 -14.37 9.54 -5.02
N ILE A 122 -14.69 8.64 -5.94
CA ILE A 122 -15.26 8.96 -7.24
C ILE A 122 -16.69 8.43 -7.37
N ASN A 123 -16.89 7.15 -7.09
CA ASN A 123 -18.24 6.57 -7.08
C ASN A 123 -19.18 7.40 -6.20
N ARG A 124 -20.36 7.74 -6.72
CA ARG A 124 -21.24 8.71 -6.08
C ARG A 124 -21.75 8.25 -4.71
N LYS A 125 -21.72 6.94 -4.44
CA LYS A 125 -22.17 6.36 -3.19
C LYS A 125 -21.10 6.30 -2.10
N LEU A 126 -19.86 6.73 -2.38
CA LEU A 126 -18.78 6.72 -1.40
C LEU A 126 -18.81 7.99 -0.53
N LYS A 127 -18.71 7.81 0.79
CA LYS A 127 -18.75 8.88 1.78
C LYS A 127 -17.40 8.98 2.47
N SER A 128 -17.13 10.17 3.01
CA SER A 128 -15.93 10.34 3.84
C SER A 128 -15.97 9.35 5.01
N GLY A 129 -14.85 8.65 5.24
CA GLY A 129 -14.76 7.65 6.29
C GLY A 129 -15.06 6.21 5.86
N ASP A 130 -15.50 5.97 4.62
CA ASP A 130 -15.75 4.63 4.12
C ASP A 130 -14.44 3.90 3.78
N PHE A 131 -14.51 2.57 3.75
CA PHE A 131 -13.41 1.70 3.31
C PHE A 131 -13.74 1.06 1.97
N VAL A 132 -12.75 0.98 1.07
CA VAL A 132 -12.90 0.27 -0.22
C VAL A 132 -11.86 -0.84 -0.34
N LEU A 133 -12.34 -2.08 -0.47
CA LEU A 133 -11.48 -3.22 -0.83
C LEU A 133 -11.16 -3.10 -2.33
N ILE A 134 -9.89 -2.97 -2.70
CA ILE A 134 -9.55 -2.75 -4.10
C ILE A 134 -9.58 -4.08 -4.84
N LYS A 135 -10.30 -4.12 -5.98
CA LYS A 135 -10.44 -5.35 -6.75
C LYS A 135 -9.75 -5.29 -8.11
N GLY A 136 -9.20 -4.15 -8.49
CA GLY A 136 -8.56 -3.93 -9.78
C GLY A 136 -8.11 -2.50 -9.87
N HIS A 137 -7.38 -2.16 -10.95
CA HIS A 137 -6.84 -0.80 -11.03
C HIS A 137 -6.69 -0.30 -12.47
N ILE A 138 -6.61 1.02 -12.61
CA ILE A 138 -6.27 1.68 -13.88
C ILE A 138 -5.00 2.48 -13.61
N ASN A 139 -3.91 2.07 -14.26
CA ASN A 139 -2.55 2.55 -13.95
C ASN A 139 -2.16 3.60 -15.01
N PHE A 140 -2.50 4.87 -14.75
CA PHE A 140 -2.19 5.90 -15.74
C PHE A 140 -0.68 6.03 -15.94
N PRO A 141 0.18 6.00 -14.91
CA PRO A 141 1.62 6.01 -15.20
C PRO A 141 2.07 4.82 -16.06
N GLY A 142 1.51 3.64 -15.83
CA GLY A 142 1.87 2.46 -16.63
C GLY A 142 1.48 2.58 -18.09
N LEU A 143 0.27 3.05 -18.39
CA LEU A 143 -0.05 3.27 -19.79
C LEU A 143 0.88 4.31 -20.43
N GLY A 144 1.35 5.27 -19.65
CA GLY A 144 2.15 6.39 -20.14
C GLY A 144 3.68 6.28 -20.07
N LEU A 145 4.20 5.05 -19.97
CA LEU A 145 5.64 4.68 -20.00
C LEU A 145 6.38 5.00 -18.68
N ASN A 146 5.64 5.16 -17.56
CA ASN A 146 6.22 5.28 -16.22
C ASN A 146 5.81 4.10 -15.31
N ASN A 147 5.54 2.92 -15.89
CA ASN A 147 5.34 1.71 -15.07
C ASN A 147 6.54 1.46 -14.17
N VAL A 148 6.28 0.97 -12.95
CA VAL A 148 7.36 0.66 -12.00
C VAL A 148 8.31 -0.43 -12.55
N LEU A 149 7.88 -1.25 -13.52
CA LEU A 149 8.76 -2.28 -14.11
C LEU A 149 9.52 -1.83 -15.38
N VAL A 150 9.37 -0.57 -15.84
CA VAL A 150 10.19 -0.11 -16.99
C VAL A 150 11.66 -0.17 -16.62
N GLY A 151 12.47 -0.80 -17.50
CA GLY A 151 13.86 -1.10 -17.25
C GLY A 151 14.16 -2.55 -17.57
N PRO A 152 15.41 -2.98 -17.42
CA PRO A 152 15.72 -4.40 -17.57
C PRO A 152 14.89 -5.23 -16.61
N ASN A 153 14.48 -6.42 -17.05
CA ASN A 153 13.84 -7.34 -16.13
C ASN A 153 14.86 -8.05 -15.23
N GLN A 154 14.51 -8.19 -13.95
CA GLN A 154 15.27 -8.99 -13.00
C GLN A 154 14.66 -10.37 -12.96
N ASP A 155 15.22 -11.25 -13.80
CA ASP A 155 14.62 -12.55 -14.09
C ASP A 155 14.50 -13.44 -12.85
N GLU A 156 15.38 -13.31 -11.85
CA GLU A 156 15.30 -14.14 -10.66
C GLU A 156 14.02 -13.91 -9.88
N PHE A 157 13.39 -12.74 -10.05
CA PHE A 157 12.19 -12.40 -9.32
C PHE A 157 10.89 -12.70 -10.07
N GLY A 158 10.87 -12.59 -11.40
CA GLY A 158 9.63 -12.72 -12.14
C GLY A 158 9.79 -12.55 -13.64
N PRO A 159 8.69 -12.65 -14.38
CA PRO A 159 8.75 -12.63 -15.85
C PRO A 159 8.80 -11.22 -16.45
N ARG A 160 9.26 -11.16 -17.71
CA ARG A 160 9.33 -9.86 -18.40
C ARG A 160 7.97 -9.19 -18.50
N PHE A 161 6.92 -9.96 -18.84
CA PHE A 161 5.56 -9.45 -19.02
C PHE A 161 4.58 -10.06 -18.02
N PRO A 162 4.36 -9.43 -16.87
CA PRO A 162 3.43 -10.01 -15.87
C PRO A 162 1.97 -9.81 -16.22
N ASP A 163 1.16 -10.78 -15.81
CA ASP A 163 -0.31 -10.73 -15.91
C ASP A 163 -0.87 -10.29 -14.56
N LEU A 164 -1.66 -9.20 -14.55
CA LEU A 164 -2.19 -8.64 -13.31
C LEU A 164 -3.64 -9.06 -13.01
N SER A 165 -4.20 -9.99 -13.78
CA SER A 165 -5.62 -10.30 -13.60
C SER A 165 -5.96 -10.85 -12.21
N ASN A 166 -5.01 -11.43 -11.49
CA ASN A 166 -5.27 -11.89 -10.12
C ASN A 166 -4.35 -11.19 -9.12
N ALA A 167 -3.97 -9.94 -9.41
CA ALA A 167 -3.09 -9.19 -8.51
C ALA A 167 -3.72 -8.96 -7.14
N TYR A 168 -5.07 -8.81 -7.08
CA TYR A 168 -5.80 -8.56 -5.84
C TYR A 168 -6.54 -9.84 -5.44
N ASP A 169 -5.97 -10.59 -4.48
CA ASP A 169 -6.46 -11.92 -4.13
C ASP A 169 -7.93 -11.89 -3.70
N ARG A 170 -8.74 -12.79 -4.28
CA ARG A 170 -10.19 -12.79 -4.03
C ARG A 170 -10.53 -13.31 -2.63
N LEU A 171 -9.85 -14.35 -2.14
CA LEU A 171 -10.15 -14.87 -0.80
C LEU A 171 -9.78 -13.92 0.32
N LEU A 172 -8.68 -13.15 0.15
CA LEU A 172 -8.34 -12.15 1.16
C LEU A 172 -9.39 -11.04 1.22
N GLN A 173 -9.93 -10.64 0.07
CA GLN A 173 -11.04 -9.69 0.07
C GLN A 173 -12.24 -10.26 0.80
N GLN A 174 -12.52 -11.54 0.57
CA GLN A 174 -13.66 -12.17 1.22
C GLN A 174 -13.46 -12.29 2.73
N LEU A 175 -12.22 -12.57 3.17
CA LEU A 175 -11.96 -12.66 4.61
C LEU A 175 -12.10 -11.30 5.27
N ALA A 176 -11.67 -10.24 4.59
CA ALA A 176 -11.77 -8.91 5.19
C ALA A 176 -13.22 -8.50 5.37
N LEU A 177 -14.05 -8.78 4.37
CA LEU A 177 -15.47 -8.49 4.50
C LEU A 177 -16.12 -9.35 5.59
N LYS A 178 -15.71 -10.62 5.72
CA LYS A 178 -16.32 -11.48 6.74
C LYS A 178 -16.06 -10.93 8.14
N ILE A 179 -14.85 -10.42 8.39
CA ILE A 179 -14.53 -9.87 9.69
C ILE A 179 -15.31 -8.58 9.94
N ALA A 180 -15.50 -7.77 8.90
CA ALA A 180 -16.34 -6.58 9.05
C ALA A 180 -17.75 -6.96 9.46
N GLN A 181 -18.31 -8.03 8.85
CA GLN A 181 -19.66 -8.46 9.21
C GLN A 181 -19.73 -8.95 10.65
N GLU A 182 -18.69 -9.67 11.09
CA GLU A 182 -18.67 -10.18 12.45
C GLU A 182 -18.73 -9.05 13.48
N ASN A 183 -18.11 -7.92 13.17
CA ASN A 183 -18.02 -6.78 14.09
C ASN A 183 -19.02 -5.67 13.74
N ASP A 184 -19.95 -5.95 12.81
CA ASP A 184 -21.10 -5.09 12.52
C ASP A 184 -20.70 -3.72 11.98
N PHE A 185 -19.61 -3.64 11.22
CA PHE A 185 -19.30 -2.42 10.46
C PHE A 185 -19.25 -2.68 8.95
N GLN A 186 -19.93 -3.73 8.48
CA GLN A 186 -19.94 -4.03 7.05
C GLN A 186 -20.55 -2.89 6.23
N ASP A 187 -21.39 -2.06 6.84
CA ASP A 187 -21.99 -0.92 6.16
C ASP A 187 -20.98 0.13 5.76
N LEU A 188 -19.76 0.08 6.32
CA LEU A 188 -18.70 1.00 5.91
C LEU A 188 -17.84 0.47 4.77
N VAL A 189 -18.02 -0.79 4.36
CA VAL A 189 -17.06 -1.49 3.49
C VAL A 189 -17.67 -1.67 2.10
N HIS A 190 -16.96 -1.17 1.07
CA HIS A 190 -17.32 -1.28 -0.34
C HIS A 190 -16.21 -2.02 -1.08
N GLU A 191 -16.46 -2.36 -2.35
CA GLU A 191 -15.38 -2.79 -3.24
C GLU A 191 -15.30 -1.87 -4.46
N GLY A 192 -14.13 -1.82 -5.10
CA GLY A 192 -14.04 -0.95 -6.27
C GLY A 192 -12.69 -0.94 -6.96
N VAL A 193 -12.67 -0.18 -8.06
CA VAL A 193 -11.52 -0.06 -8.96
C VAL A 193 -10.75 1.22 -8.62
N TYR A 194 -9.42 1.08 -8.43
CA TYR A 194 -8.53 2.18 -8.02
C TYR A 194 -7.82 2.79 -9.24
N ALA A 195 -7.95 4.11 -9.43
CA ALA A 195 -7.15 4.85 -10.43
C ALA A 195 -5.89 5.40 -9.75
N PHE A 196 -4.71 5.11 -10.33
CA PHE A 196 -3.42 5.68 -9.87
C PHE A 196 -3.15 7.03 -10.59
N ASN A 197 -3.26 8.11 -9.81
CA ASN A 197 -2.86 9.48 -10.17
C ASN A 197 -1.45 9.69 -9.62
N GLY A 198 -0.45 9.87 -10.49
CA GLY A 198 0.92 10.06 -10.02
C GLY A 198 1.06 11.18 -8.98
N GLY A 199 0.28 12.25 -9.12
CA GLY A 199 0.34 13.35 -8.15
C GLY A 199 1.54 14.27 -8.28
N PRO A 200 1.77 15.17 -7.29
CA PRO A 200 1.14 15.28 -5.95
C PRO A 200 -0.05 16.24 -5.84
N THR A 201 -0.49 16.89 -6.93
CA THR A 201 -1.75 17.64 -6.89
C THR A 201 -2.93 16.68 -6.74
N TYR A 202 -3.89 17.04 -5.87
CA TYR A 202 -5.11 16.25 -5.85
C TYR A 202 -5.73 16.25 -7.24
N GLU A 203 -6.53 15.21 -7.52
N GLU A 203 -6.52 15.20 -7.52
CA GLU A 203 -7.31 15.17 -8.76
CA GLU A 203 -7.33 15.15 -8.74
C GLU A 203 -8.11 16.45 -8.92
C GLU A 203 -8.12 16.45 -8.91
N SER A 204 -8.01 17.07 -10.09
CA SER A 204 -8.77 18.31 -10.36
C SER A 204 -10.27 18.02 -10.52
N PRO A 205 -11.12 19.04 -10.40
CA PRO A 205 -12.55 18.80 -10.64
C PRO A 205 -12.86 18.13 -11.97
N ASP A 206 -12.20 18.56 -13.05
CA ASP A 206 -12.50 17.99 -14.35
C ASP A 206 -11.84 16.62 -14.54
N GLU A 207 -10.67 16.38 -13.92
CA GLU A 207 -10.11 15.02 -13.89
C GLU A 207 -11.04 14.06 -13.15
N SER A 208 -11.67 14.51 -12.06
CA SER A 208 -12.57 13.63 -11.33
C SER A 208 -13.74 13.21 -12.20
N ASN A 209 -14.34 14.19 -12.90
CA ASN A 209 -15.46 13.91 -13.82
C ASN A 209 -15.05 12.92 -14.90
N MET A 210 -13.84 13.06 -15.46
CA MET A 210 -13.36 12.08 -16.43
C MET A 210 -13.29 10.68 -15.82
N LEU A 211 -12.72 10.57 -14.62
CA LEU A 211 -12.55 9.28 -13.97
C LEU A 211 -13.89 8.59 -13.72
N LEU A 212 -14.94 9.35 -13.43
CA LEU A 212 -16.27 8.77 -13.26
C LEU A 212 -16.76 8.15 -14.56
N LYS A 213 -16.61 8.88 -15.67
CA LYS A 213 -16.94 8.32 -16.99
C LYS A 213 -16.19 7.02 -17.26
N LEU A 214 -14.95 6.89 -16.80
CA LEU A 214 -14.09 5.76 -17.16
C LEU A 214 -14.23 4.56 -16.24
N GLY A 215 -15.20 4.56 -15.34
CA GLY A 215 -15.44 3.45 -14.44
C GLY A 215 -14.51 3.34 -13.25
N CYS A 216 -13.92 4.44 -12.79
CA CYS A 216 -13.12 4.43 -11.57
C CYS A 216 -13.99 4.70 -10.35
N ASP A 217 -13.70 3.99 -9.26
CA ASP A 217 -14.42 4.17 -7.99
C ASP A 217 -13.63 5.00 -6.97
N VAL A 218 -12.30 4.95 -7.01
CA VAL A 218 -11.42 5.61 -6.04
C VAL A 218 -10.21 6.09 -6.82
N VAL A 219 -9.55 7.16 -6.34
CA VAL A 219 -8.32 7.67 -6.98
C VAL A 219 -7.30 8.04 -5.89
N GLY A 220 -6.03 7.69 -6.13
CA GLY A 220 -5.00 7.98 -5.15
C GLY A 220 -3.62 7.96 -5.77
N MET A 221 -2.62 8.27 -4.92
CA MET A 221 -1.23 8.47 -5.37
C MET A 221 -0.27 7.39 -4.90
N SER A 222 -0.78 6.26 -4.41
CA SER A 222 0.04 5.21 -3.78
C SER A 222 -0.33 3.84 -4.33
N THR A 223 0.17 2.78 -3.67
CA THR A 223 -0.32 1.41 -3.73
C THR A 223 0.03 0.64 -5.03
N VAL A 224 -0.32 1.16 -6.19
CA VAL A 224 -0.16 0.39 -7.43
C VAL A 224 1.29 0.00 -7.69
N PRO A 225 2.30 0.87 -7.45
CA PRO A 225 3.69 0.41 -7.68
C PRO A 225 4.04 -0.82 -6.86
N GLU A 226 3.68 -0.82 -5.56
CA GLU A 226 3.97 -1.98 -4.69
C GLU A 226 3.18 -3.21 -5.13
N VAL A 227 1.90 -3.04 -5.49
CA VAL A 227 1.09 -4.15 -5.99
C VAL A 227 1.78 -4.86 -7.15
N ILE A 228 2.30 -4.07 -8.11
CA ILE A 228 2.89 -4.63 -9.34
C ILE A 228 4.20 -5.37 -9.02
N ILE A 229 5.05 -4.79 -8.18
CA ILE A 229 6.28 -5.50 -7.80
C ILE A 229 5.96 -6.78 -7.04
N ALA A 230 4.96 -6.75 -6.15
CA ALA A 230 4.56 -7.96 -5.41
C ALA A 230 4.03 -9.04 -6.36
N CYS A 231 3.14 -8.65 -7.27
CA CYS A 231 2.56 -9.61 -8.22
C CYS A 231 3.65 -10.24 -9.10
N HIS A 232 4.62 -9.42 -9.56
CA HIS A 232 5.72 -9.91 -10.39
C HIS A 232 6.47 -11.05 -9.70
N CYS A 233 6.66 -10.98 -8.37
CA CYS A 233 7.45 -11.99 -7.66
C CYS A 233 6.59 -12.99 -6.85
N GLY A 234 5.28 -13.05 -7.09
CA GLY A 234 4.43 -14.09 -6.52
C GLY A 234 3.90 -13.85 -5.11
N ILE A 235 3.87 -12.61 -4.65
CA ILE A 235 3.33 -12.26 -3.34
C ILE A 235 1.84 -11.88 -3.50
N LYS A 236 0.96 -12.50 -2.69
CA LYS A 236 -0.47 -12.16 -2.68
C LYS A 236 -0.69 -10.82 -1.97
N VAL A 237 -1.72 -10.05 -2.40
CA VAL A 237 -1.94 -8.68 -1.93
C VAL A 237 -3.40 -8.49 -1.51
N LEU A 238 -3.59 -7.77 -0.40
CA LEU A 238 -4.86 -7.16 0.01
C LEU A 238 -4.58 -5.66 0.15
N ALA A 239 -5.35 -4.82 -0.58
CA ALA A 239 -5.17 -3.37 -0.53
C ALA A 239 -6.50 -2.70 -0.19
N VAL A 240 -6.48 -1.76 0.76
CA VAL A 240 -7.70 -1.09 1.25
C VAL A 240 -7.50 0.42 1.22
N SER A 241 -8.48 1.15 0.65
CA SER A 241 -8.48 2.61 0.66
C SER A 241 -9.41 3.13 1.77
N LEU A 242 -8.97 4.19 2.47
CA LEU A 242 -9.83 4.96 3.37
C LEU A 242 -10.21 6.27 2.68
N ILE A 243 -11.51 6.48 2.47
CA ILE A 243 -12.00 7.58 1.64
C ILE A 243 -11.99 8.89 2.43
N ALA A 244 -11.24 9.88 1.91
CA ALA A 244 -11.14 11.16 2.60
C ALA A 244 -12.32 12.09 2.27
N ASN A 245 -12.86 12.00 1.06
CA ASN A 245 -13.85 12.95 0.54
C ASN A 245 -14.46 12.31 -0.71
N ASN A 246 -15.61 12.86 -1.15
CA ASN A 246 -16.14 12.50 -2.48
C ASN A 246 -15.82 13.64 -3.46
N SER A 247 -14.89 13.39 -4.39
CA SER A 247 -14.44 14.45 -5.27
C SER A 247 -15.47 14.81 -6.33
N ILE A 248 -16.39 13.90 -6.66
CA ILE A 248 -17.47 14.24 -7.59
C ILE A 248 -18.45 15.21 -6.94
N LEU A 249 -18.90 14.90 -5.71
CA LEU A 249 -19.77 15.85 -5.02
C LEU A 249 -19.06 17.20 -4.81
N ASP A 250 -17.78 17.18 -4.45
CA ASP A 250 -17.05 18.43 -4.21
C ASP A 250 -16.96 19.26 -5.50
N ALA A 251 -16.87 18.59 -6.66
CA ALA A 251 -16.81 19.34 -7.91
C ALA A 251 -18.15 20.00 -8.22
N GLU A 252 -19.25 19.29 -7.96
CA GLU A 252 -20.56 19.85 -8.25
C GLU A 252 -20.92 20.99 -7.30
N ASN A 253 -20.36 21.00 -6.08
CA ASN A 253 -20.67 22.01 -5.08
C ASN A 253 -19.60 23.10 -4.96
N ASP A 254 -18.49 23.00 -5.70
CA ASP A 254 -17.37 23.95 -5.65
C ASP A 254 -16.76 24.04 -4.25
N VAL A 255 -16.36 22.88 -3.73
CA VAL A 255 -15.82 22.74 -2.39
C VAL A 255 -14.39 22.23 -2.47
N SER A 256 -13.51 22.75 -1.62
CA SER A 256 -12.08 22.50 -1.65
C SER A 256 -11.69 21.48 -0.57
N ILE A 257 -10.42 21.09 -0.58
CA ILE A 257 -9.89 20.12 0.38
C ILE A 257 -8.50 20.58 0.81
N ASN A 258 -8.11 20.23 2.04
CA ASN A 258 -6.79 20.56 2.55
C ASN A 258 -6.22 19.39 3.35
N HIS A 259 -4.97 19.51 3.77
CA HIS A 259 -4.27 18.40 4.39
C HIS A 259 -4.83 18.08 5.77
N GLU A 260 -5.31 19.11 6.47
CA GLU A 260 -5.85 18.92 7.81
C GLU A 260 -7.17 18.14 7.75
N LYS A 261 -8.01 18.43 6.76
CA LYS A 261 -9.25 17.67 6.57
C LYS A 261 -8.98 16.20 6.29
N VAL A 262 -8.00 15.91 5.41
CA VAL A 262 -7.70 14.52 5.07
C VAL A 262 -7.22 13.76 6.31
N LEU A 263 -6.26 14.33 7.05
CA LEU A 263 -5.70 13.57 8.17
C LEU A 263 -6.71 13.41 9.31
N ALA A 264 -7.70 14.32 9.41
CA ALA A 264 -8.75 14.15 10.41
C ALA A 264 -9.62 12.92 10.16
N VAL A 265 -9.82 12.54 8.88
CA VAL A 265 -10.51 11.28 8.57
C VAL A 265 -9.69 10.09 9.06
N ALA A 266 -8.36 10.12 8.88
CA ALA A 266 -7.50 9.06 9.40
C ALA A 266 -7.68 8.94 10.92
N GLU A 267 -7.68 10.07 11.63
CA GLU A 267 -7.86 10.02 13.07
C GLU A 267 -9.19 9.39 13.44
N LYS A 268 -10.24 9.67 12.66
CA LYS A 268 -11.57 9.16 12.95
C LYS A 268 -11.64 7.64 12.84
N ARG A 269 -10.90 7.03 11.89
CA ARG A 269 -10.98 5.60 11.62
C ARG A 269 -9.75 4.78 12.06
N ALA A 270 -8.72 5.39 12.67
CA ALA A 270 -7.47 4.70 12.96
C ALA A 270 -7.67 3.48 13.88
N ASP A 271 -8.46 3.62 14.93
CA ASP A 271 -8.57 2.53 15.90
C ASP A 271 -9.36 1.34 15.34
N LEU A 272 -10.43 1.61 14.58
CA LEU A 272 -11.19 0.54 13.93
C LEU A 272 -10.36 -0.19 12.89
N LEU A 273 -9.60 0.55 12.08
CA LEU A 273 -8.74 -0.07 11.06
C LEU A 273 -7.66 -0.92 11.72
N GLN A 274 -7.10 -0.45 12.83
CA GLN A 274 -6.11 -1.22 13.57
C GLN A 274 -6.70 -2.54 14.03
N MET A 275 -7.90 -2.50 14.62
CA MET A 275 -8.55 -3.72 15.09
C MET A 275 -8.83 -4.67 13.94
N TRP A 276 -9.33 -4.13 12.82
CA TRP A 276 -9.65 -4.92 11.64
C TRP A 276 -8.42 -5.67 11.13
N PHE A 277 -7.30 -4.97 10.99
CA PHE A 277 -6.12 -5.59 10.37
C PHE A 277 -5.43 -6.55 11.34
N LYS A 278 -5.55 -6.32 12.65
CA LYS A 278 -5.04 -7.31 13.59
C LYS A 278 -5.75 -8.64 13.41
N GLU A 279 -7.08 -8.61 13.25
CA GLU A 279 -7.81 -9.85 13.10
C GLU A 279 -7.51 -10.52 11.76
N ILE A 280 -7.40 -9.73 10.69
CA ILE A 280 -7.03 -10.26 9.39
C ILE A 280 -5.72 -11.02 9.47
N ILE A 281 -4.70 -10.39 10.07
CA ILE A 281 -3.39 -11.03 10.22
C ILE A 281 -3.55 -12.35 10.97
N THR A 282 -4.28 -12.31 12.08
CA THR A 282 -4.46 -13.51 12.90
C THR A 282 -5.05 -14.65 12.07
N ARG A 283 -5.95 -14.34 11.14
CA ARG A 283 -6.79 -15.35 10.53
C ARG A 283 -6.40 -15.74 9.11
N LEU A 284 -5.46 -15.04 8.49
CA LEU A 284 -5.31 -15.39 7.09
C LEU A 284 -4.55 -16.71 6.93
N PRO A 285 -4.78 -17.45 5.82
CA PRO A 285 -4.14 -18.76 5.62
C PRO A 285 -2.61 -18.66 5.51
#